data_5SZC
#
_entry.id   5SZC
#
_cell.length_a   39.321
_cell.length_b   39.321
_cell.length_c   147.571
_cell.angle_alpha   90.00
_cell.angle_beta   90.00
_cell.angle_gamma   90.00
#
_symmetry.space_group_name_H-M   'P 43 21 2'
#
loop_
_entity.id
_entity.type
_entity.pdbx_description
1 polymer 'Zinc finger protein DPF3'
2 polymer 'Histone H3 tail peptide'
3 non-polymer 'ZINC ION'
4 non-polymer (4S)-2-METHYL-2,4-PENTANEDIOL
5 water water
#
loop_
_entity_poly.entity_id
_entity_poly.type
_entity_poly.pdbx_seq_one_letter_code
_entity_poly.pdbx_strand_id
1 'polypeptide(L)'
;GTVIPNNYCDFCLGGSNMNKKSGRPEELVSCADCGRSGHPTCLQFTLNMTEAVKTYKWQCIECKSCILCGTSENDDQLLF
CDDCDRGYHMYCLNPPVAEPPEGSWSCHLCWELLK
;
A
2 'polypeptide(L)' ART(MLZ)QTARKSTGG(ALY)APRK H
#
loop_
_chem_comp.id
_chem_comp.type
_chem_comp.name
_chem_comp.formula
MPD non-polymer (4S)-2-METHYL-2,4-PENTANEDIOL 'C6 H14 O2'
ZN non-polymer 'ZINC ION' 'Zn 2'
#
# COMPACT_ATOMS: atom_id res chain seq x y z
N GLY A 1 7.45 -18.84 -4.10
CA GLY A 1 8.75 -18.70 -4.75
C GLY A 1 9.87 -18.54 -3.75
N THR A 2 10.89 -17.81 -4.15
CA THR A 2 12.10 -17.64 -3.36
C THR A 2 12.02 -16.43 -2.40
N VAL A 3 10.82 -15.82 -2.26
CA VAL A 3 10.62 -14.62 -1.43
C VAL A 3 10.98 -14.89 0.02
N ILE A 4 11.78 -14.00 0.61
CA ILE A 4 11.99 -13.92 2.06
C ILE A 4 11.76 -12.46 2.45
N PRO A 5 10.93 -12.16 3.46
CA PRO A 5 10.76 -10.75 3.86
C PRO A 5 12.07 -10.15 4.33
N ASN A 6 12.34 -8.94 3.88
CA ASN A 6 13.51 -8.23 4.37
C ASN A 6 13.31 -7.91 5.84
N ASN A 7 14.38 -7.98 6.60
CA ASN A 7 14.31 -7.71 8.03
C ASN A 7 14.60 -6.27 8.38
N TYR A 8 14.57 -5.37 7.39
CA TYR A 8 14.84 -3.96 7.63
C TYR A 8 13.87 -3.12 6.82
N CYS A 9 13.64 -1.90 7.31
CA CYS A 9 12.75 -0.98 6.67
C CYS A 9 13.47 -0.24 5.55
N ASP A 10 12.84 -0.22 4.38
CA ASP A 10 13.43 0.49 3.25
C ASP A 10 13.64 1.97 3.54
N PHE A 11 12.84 2.56 4.42
CA PHE A 11 12.87 3.99 4.65
C PHE A 11 13.92 4.36 5.68
N CYS A 12 13.94 3.70 6.83
CA CYS A 12 14.81 4.11 7.92
C CYS A 12 15.92 3.12 8.21
N LEU A 13 15.90 1.94 7.58
CA LEU A 13 16.90 0.89 7.72
C LEU A 13 16.84 0.19 9.06
N GLY A 14 15.87 0.49 9.91
CA GLY A 14 15.73 -0.22 11.15
C GLY A 14 15.00 -1.53 10.98
N GLY A 15 15.29 -2.44 11.88
CA GLY A 15 14.52 -3.66 11.99
C GLY A 15 13.26 -3.45 12.76
N SER A 16 12.55 -4.54 13.00
CA SER A 16 11.35 -4.46 13.81
C SER A 16 11.65 -4.08 15.24
N ASN A 17 12.88 -4.28 15.70
CA ASN A 17 13.18 -3.94 17.07
C ASN A 17 13.33 -2.44 17.27
N MET A 18 13.55 -1.66 16.22
CA MET A 18 13.77 -0.22 16.40
C MET A 18 13.56 0.51 15.08
N ASN A 19 12.47 1.24 15.01
CA ASN A 19 12.27 2.18 13.92
C ASN A 19 13.18 3.37 14.17
N LYS A 20 14.07 3.66 13.23
CA LYS A 20 15.06 4.69 13.45
C LYS A 20 14.49 6.09 13.31
N LYS A 21 13.33 6.22 12.67
CA LYS A 21 12.68 7.51 12.58
C LYS A 21 11.96 7.82 13.87
N SER A 22 11.26 6.85 14.43
CA SER A 22 10.49 7.12 15.64
C SER A 22 11.25 6.82 16.92
N GLY A 23 12.31 6.02 16.84
CA GLY A 23 12.99 5.62 18.05
C GLY A 23 12.22 4.63 18.89
N ARG A 24 11.26 3.93 18.31
CA ARG A 24 10.45 2.95 18.99
C ARG A 24 10.51 1.63 18.23
N PRO A 25 10.39 0.49 18.92
CA PRO A 25 10.19 -0.77 18.21
C PRO A 25 8.91 -0.67 17.41
N GLU A 26 8.90 -1.29 16.24
CA GLU A 26 7.71 -1.28 15.41
C GLU A 26 7.84 -2.44 14.44
N GLU A 27 6.78 -3.21 14.29
CA GLU A 27 6.82 -4.32 13.37
C GLU A 27 7.05 -3.81 11.95
N LEU A 28 7.58 -4.67 11.12
CA LEU A 28 7.67 -4.40 9.70
C LEU A 28 6.51 -5.04 8.97
N VAL A 29 6.06 -4.39 7.92
CA VAL A 29 5.20 -5.02 6.95
C VAL A 29 6.04 -5.24 5.70
N SER A 30 5.76 -6.33 5.00
CA SER A 30 6.62 -6.76 3.91
C SER A 30 5.77 -7.11 2.72
N CYS A 31 6.27 -6.74 1.55
CA CYS A 31 5.57 -7.00 0.31
C CYS A 31 5.54 -8.49 0.04
N ALA A 32 4.36 -8.98 -0.29
CA ALA A 32 4.15 -10.39 -0.55
C ALA A 32 4.88 -10.87 -1.78
N ASP A 33 5.20 -9.96 -2.70
CA ASP A 33 5.79 -10.34 -3.97
C ASP A 33 7.30 -10.15 -4.00
N CYS A 34 7.84 -9.07 -3.45
CA CYS A 34 9.26 -8.81 -3.55
C CYS A 34 10.00 -8.83 -2.23
N GLY A 35 9.28 -8.87 -1.11
CA GLY A 35 9.91 -8.95 0.19
C GLY A 35 10.42 -7.65 0.77
N ARG A 36 10.31 -6.53 0.05
CA ARG A 36 10.72 -5.26 0.64
C ARG A 36 9.84 -4.98 1.85
N SER A 37 10.43 -4.39 2.87
CA SER A 37 9.75 -4.16 4.12
C SER A 37 9.78 -2.69 4.50
N GLY A 38 8.80 -2.32 5.29
CA GLY A 38 8.74 -0.98 5.84
C GLY A 38 8.02 -0.98 7.16
N HIS A 39 8.42 -0.09 8.05
CA HIS A 39 7.57 0.15 9.20
C HIS A 39 6.31 0.85 8.73
N PRO A 40 5.14 0.45 9.23
CA PRO A 40 3.92 1.18 8.89
C PRO A 40 4.02 2.69 9.04
N THR A 41 4.61 3.20 10.12
CA THR A 41 4.70 4.64 10.21
C THR A 41 5.62 5.22 9.17
N CYS A 42 6.68 4.50 8.78
CA CYS A 42 7.53 4.97 7.70
C CYS A 42 6.80 4.96 6.37
N LEU A 43 5.87 4.01 6.19
CA LEU A 43 5.00 3.94 5.04
C LEU A 43 3.86 4.93 5.12
N GLN A 44 3.75 5.65 6.24
CA GLN A 44 2.75 6.69 6.45
C GLN A 44 1.34 6.11 6.52
N PHE A 45 1.22 4.89 7.00
CA PHE A 45 -0.08 4.27 7.17
C PHE A 45 -0.71 4.68 8.47
N THR A 46 -2.03 4.82 8.46
CA THR A 46 -2.78 4.92 9.70
C THR A 46 -2.69 3.60 10.45
N LEU A 47 -3.17 3.62 11.68
CA LEU A 47 -3.18 2.40 12.48
C LEU A 47 -4.17 1.41 11.92
N ASN A 48 -5.31 1.87 11.46
CA ASN A 48 -6.27 0.93 10.90
CA ASN A 48 -6.25 0.92 10.90
C ASN A 48 -5.76 0.36 9.58
N MET A 49 -5.10 1.16 8.76
CA MET A 49 -4.49 0.63 7.55
CA MET A 49 -4.48 0.64 7.55
C MET A 49 -3.42 -0.39 7.90
N THR A 50 -2.64 -0.12 8.93
CA THR A 50 -1.62 -1.04 9.39
C THR A 50 -2.23 -2.39 9.69
N GLU A 51 -3.34 -2.42 10.40
CA GLU A 51 -3.97 -3.69 10.69
C GLU A 51 -4.48 -4.35 9.43
N ALA A 52 -5.06 -3.57 8.54
CA ALA A 52 -5.63 -4.14 7.33
C ALA A 52 -4.56 -4.79 6.46
N VAL A 53 -3.41 -4.16 6.30
CA VAL A 53 -2.43 -4.70 5.37
C VAL A 53 -1.83 -5.99 5.87
N LYS A 54 -1.95 -6.28 7.16
CA LYS A 54 -1.48 -7.54 7.70
C LYS A 54 -2.45 -8.67 7.51
N THR A 55 -3.63 -8.41 6.94
CA THR A 55 -4.65 -9.43 6.79
C THR A 55 -4.70 -10.01 5.39
N TYR A 56 -3.91 -9.50 4.46
CA TYR A 56 -3.93 -10.03 3.11
C TYR A 56 -2.52 -9.89 2.56
N LYS A 57 -2.32 -10.39 1.34
CA LYS A 57 -1.01 -10.35 0.71
C LYS A 57 -0.75 -8.96 0.14
N TRP A 58 -0.49 -8.03 1.06
CA TRP A 58 -0.19 -6.66 0.69
C TRP A 58 1.02 -6.61 -0.21
N GLN A 59 0.97 -5.69 -1.16
CA GLN A 59 2.05 -5.45 -2.10
C GLN A 59 2.55 -4.03 -1.91
N CYS A 60 3.84 -3.86 -2.08
CA CYS A 60 4.43 -2.54 -2.04
C CYS A 60 4.00 -1.74 -3.26
N ILE A 61 4.30 -0.44 -3.20
CA ILE A 61 3.89 0.47 -4.26
CA ILE A 61 3.89 0.47 -4.27
C ILE A 61 4.36 -0.04 -5.62
N GLU A 62 5.59 -0.55 -5.71
CA GLU A 62 6.11 -0.93 -7.00
C GLU A 62 5.45 -2.20 -7.50
N CYS A 63 5.17 -3.15 -6.62
CA CYS A 63 4.57 -4.40 -7.04
C CYS A 63 3.06 -4.34 -7.19
N LYS A 64 2.42 -3.29 -6.67
CA LYS A 64 0.97 -3.27 -6.58
C LYS A 64 0.36 -3.59 -7.92
N SER A 65 -0.56 -4.54 -7.92
CA SER A 65 -1.32 -4.86 -9.10
C SER A 65 -2.79 -4.72 -8.77
N CYS A 66 -3.58 -4.52 -9.81
CA CYS A 66 -4.99 -4.30 -9.63
C CYS A 66 -5.67 -5.57 -9.17
N ILE A 67 -6.48 -5.44 -8.12
CA ILE A 67 -7.26 -6.57 -7.60
C ILE A 67 -8.16 -7.16 -8.66
N LEU A 68 -8.66 -6.34 -9.58
CA LEU A 68 -9.71 -6.75 -10.49
C LEU A 68 -9.16 -7.38 -11.76
N CYS A 69 -8.12 -6.82 -12.36
CA CYS A 69 -7.58 -7.35 -13.61
C CYS A 69 -6.19 -7.96 -13.45
N GLY A 70 -5.52 -7.73 -12.34
CA GLY A 70 -4.25 -8.35 -12.08
C GLY A 70 -3.04 -7.67 -12.70
N THR A 71 -3.23 -6.64 -13.54
CA THR A 71 -2.06 -6.01 -14.13
C THR A 71 -1.50 -4.92 -13.22
N SER A 72 -0.27 -4.53 -13.55
CA SER A 72 0.40 -3.38 -12.97
CA SER A 72 0.40 -3.38 -12.97
C SER A 72 0.61 -2.28 -14.01
N GLU A 73 -0.29 -2.19 -14.97
CA GLU A 73 -0.20 -1.14 -15.98
C GLU A 73 -0.81 0.13 -15.43
N ASN A 74 -0.49 1.24 -16.10
CA ASN A 74 -1.20 2.50 -15.89
C ASN A 74 -1.14 2.95 -14.43
N ASP A 75 0.09 3.21 -13.99
CA ASP A 75 0.30 3.64 -12.61
C ASP A 75 -0.54 4.86 -12.27
N ASP A 76 -0.74 5.75 -13.25
CA ASP A 76 -1.52 6.96 -13.04
C ASP A 76 -2.99 6.69 -12.79
N GLN A 77 -3.44 5.46 -13.06
CA GLN A 77 -4.84 5.13 -12.90
C GLN A 77 -5.08 4.07 -11.86
N LEU A 78 -4.05 3.62 -11.16
CA LEU A 78 -4.19 2.58 -10.17
C LEU A 78 -4.43 3.24 -8.82
N LEU A 79 -5.70 3.31 -8.43
CA LEU A 79 -6.08 3.87 -7.15
C LEU A 79 -5.66 2.92 -6.04
N PHE A 80 -5.23 3.49 -4.92
CA PHE A 80 -4.97 2.73 -3.70
C PHE A 80 -6.07 3.02 -2.70
N CYS A 81 -6.70 1.99 -2.20
CA CYS A 81 -7.74 2.15 -1.20
C CYS A 81 -7.19 2.76 0.07
N ASP A 82 -7.90 3.77 0.59
CA ASP A 82 -7.44 4.44 1.79
C ASP A 82 -7.79 3.72 3.07
N ASP A 83 -8.47 2.60 2.99
CA ASP A 83 -8.69 1.75 4.15
C ASP A 83 -7.84 0.49 4.14
N CYS A 84 -7.47 -0.05 2.98
CA CYS A 84 -6.72 -1.31 2.97
C CYS A 84 -5.51 -1.32 2.07
N ASP A 85 -5.29 -0.29 1.26
CA ASP A 85 -4.15 -0.16 0.38
C ASP A 85 -4.18 -1.06 -0.85
N ARG A 86 -5.27 -1.77 -1.09
CA ARG A 86 -5.37 -2.54 -2.33
C ARG A 86 -5.47 -1.59 -3.51
N GLY A 87 -5.00 -2.05 -4.66
CA GLY A 87 -5.01 -1.25 -5.87
C GLY A 87 -6.12 -1.64 -6.83
N TYR A 88 -6.74 -0.63 -7.42
CA TYR A 88 -7.82 -0.82 -8.39
C TYR A 88 -7.65 0.19 -9.50
N HIS A 89 -7.62 -0.26 -10.75
CA HIS A 89 -7.62 0.69 -11.84
C HIS A 89 -8.93 1.43 -11.88
N MET A 90 -8.87 2.74 -12.12
CA MET A 90 -10.10 3.50 -12.21
CA MET A 90 -10.10 3.49 -12.21
C MET A 90 -10.98 3.00 -13.36
N TYR A 91 -10.37 2.42 -14.39
CA TYR A 91 -11.11 1.89 -15.52
C TYR A 91 -11.56 0.44 -15.31
N CYS A 92 -11.11 -0.20 -14.23
CA CYS A 92 -11.62 -1.52 -13.85
C CYS A 92 -12.82 -1.42 -12.92
N LEU A 93 -12.99 -0.28 -12.25
CA LEU A 93 -14.18 -0.05 -11.45
C LEU A 93 -15.40 0.02 -12.35
N ASN A 94 -16.57 -0.19 -11.75
CA ASN A 94 -17.83 -0.08 -12.45
C ASN A 94 -18.85 0.57 -11.51
N PRO A 95 -19.25 1.82 -11.80
CA PRO A 95 -18.89 2.66 -12.95
C PRO A 95 -17.41 3.05 -12.92
N PRO A 96 -16.73 2.98 -14.06
CA PRO A 96 -15.37 3.51 -14.09
C PRO A 96 -15.32 4.94 -13.61
N VAL A 97 -14.11 5.41 -13.30
CA VAL A 97 -13.87 6.70 -12.65
C VAL A 97 -12.91 7.48 -13.53
N ALA A 98 -13.17 8.77 -13.70
CA ALA A 98 -12.36 9.59 -14.59
C ALA A 98 -11.16 10.22 -13.92
N GLU A 99 -11.25 10.53 -12.63
CA GLU A 99 -10.18 11.23 -11.94
C GLU A 99 -10.11 10.72 -10.50
N PRO A 100 -8.93 10.62 -9.92
CA PRO A 100 -8.84 10.28 -8.50
C PRO A 100 -9.67 11.26 -7.68
N PRO A 101 -10.56 10.78 -6.82
CA PRO A 101 -11.34 11.70 -5.98
C PRO A 101 -10.42 12.58 -5.15
N GLU A 102 -11.02 13.63 -4.60
CA GLU A 102 -10.36 14.42 -3.58
C GLU A 102 -10.60 13.75 -2.23
N GLY A 103 -9.59 13.78 -1.38
CA GLY A 103 -9.77 13.11 -0.12
C GLY A 103 -9.92 11.61 -0.35
N SER A 104 -10.33 10.93 0.72
CA SER A 104 -10.21 9.48 0.74
C SER A 104 -11.08 8.81 -0.33
N TRP A 105 -10.59 7.70 -0.84
CA TRP A 105 -11.36 6.77 -1.67
C TRP A 105 -11.12 5.39 -1.09
N SER A 106 -12.18 4.62 -0.93
CA SER A 106 -12.04 3.27 -0.45
C SER A 106 -12.76 2.30 -1.35
N CYS A 107 -12.26 1.09 -1.34
CA CYS A 107 -12.67 0.08 -2.29
C CYS A 107 -13.92 -0.64 -1.83
N HIS A 108 -14.48 -1.41 -2.75
CA HIS A 108 -15.74 -2.07 -2.47
C HIS A 108 -15.59 -3.14 -1.40
N LEU A 109 -14.43 -3.78 -1.31
CA LEU A 109 -14.23 -4.77 -0.25
C LEU A 109 -14.34 -4.12 1.13
N CYS A 110 -13.75 -2.95 1.29
CA CYS A 110 -13.81 -2.25 2.56
C CYS A 110 -15.22 -1.70 2.81
N TRP A 111 -15.88 -1.20 1.77
CA TRP A 111 -17.26 -0.75 1.94
C TRP A 111 -18.15 -1.89 2.41
N GLU A 112 -17.93 -3.10 1.92
CA GLU A 112 -18.76 -4.24 2.33
C GLU A 112 -18.51 -4.60 3.77
N LEU A 113 -17.24 -4.50 4.21
CA LEU A 113 -16.79 -5.02 5.48
C LEU A 113 -17.08 -4.08 6.63
N LEU A 114 -16.92 -2.78 6.40
CA LEU A 114 -16.90 -1.83 7.49
C LEU A 114 -18.19 -1.07 7.68
N LYS A 115 -18.98 -0.91 6.63
CA LYS A 115 -20.24 -0.20 6.75
C LYS A 115 -21.42 -1.16 6.90
N ALA B 1 -7.39 11.38 -2.97
CA ALA B 1 -7.13 9.93 -3.24
C ALA B 1 -5.72 9.69 -3.74
N ARG B 2 -5.26 8.48 -3.55
CA ARG B 2 -3.92 8.09 -3.95
C ARG B 2 -3.99 7.20 -5.17
N THR B 3 -3.08 7.41 -6.12
CA THR B 3 -2.78 6.41 -7.12
C THR B 3 -1.35 5.95 -6.92
N MLZ B 4 -0.92 4.92 -7.64
CA MLZ B 4 0.45 4.49 -7.56
CB MLZ B 4 0.67 3.35 -8.54
CG MLZ B 4 2.12 2.92 -8.42
CD MLZ B 4 2.48 1.73 -9.30
CE MLZ B 4 1.80 0.45 -8.83
NZ MLZ B 4 2.56 -0.75 -9.14
CM MLZ B 4 2.94 -0.77 -10.55
C MLZ B 4 1.36 5.68 -7.87
O MLZ B 4 2.38 5.89 -7.19
H MLZ B 4 -1.39 4.43 -8.18
HA MLZ B 4 0.63 4.17 -6.66
HB2 MLZ B 4 0.49 3.64 -9.45
HB3 MLZ B 4 0.08 2.60 -8.32
HG2 MLZ B 4 2.30 2.69 -7.50
HG3 MLZ B 4 2.68 3.67 -8.67
HD2 MLZ B 4 3.44 1.60 -9.28
HD3 MLZ B 4 2.20 1.92 -10.21
HE2 MLZ B 4 1.68 0.50 -7.86
HE3 MLZ B 4 0.93 0.39 -9.24
HZ MLZ B 4 2.08 -1.47 -8.96
HCM1 MLZ B 4 3.49 -1.56 -10.72
HCM2 MLZ B 4 2.15 -0.81 -11.10
HCM3 MLZ B 4 3.45 0.02 -10.76
N GLN B 5 1.01 6.44 -8.89
CA GLN B 5 1.83 7.57 -9.27
C GLN B 5 1.91 8.61 -8.16
N THR B 6 0.77 9.02 -7.60
CA THR B 6 0.86 10.04 -6.55
C THR B 6 1.51 9.47 -5.29
N ALA B 7 1.31 8.19 -5.02
CA ALA B 7 1.93 7.59 -3.85
C ALA B 7 3.44 7.53 -3.99
N ARG B 8 3.93 7.21 -5.18
CA ARG B 8 5.37 7.24 -5.42
C ARG B 8 5.94 8.61 -5.14
N LYS B 9 5.23 9.65 -5.58
CA LYS B 9 5.74 11.00 -5.49
C LYS B 9 5.73 11.52 -4.06
N SER B 10 4.84 11.03 -3.22
CA SER B 10 4.74 11.54 -1.86
C SER B 10 5.49 10.68 -0.87
N THR B 11 5.97 9.52 -1.30
CA THR B 11 6.77 8.62 -0.47
C THR B 11 8.16 8.51 -1.11
N GLY B 12 8.91 9.61 -1.05
CA GLY B 12 10.23 9.63 -1.67
C GLY B 12 11.30 8.90 -0.87
N GLY B 13 11.07 8.66 0.41
CA GLY B 13 12.06 8.06 1.28
C GLY B 13 12.24 6.57 1.09
OH ALY B 14 6.90 -0.37 0.51
CH ALY B 14 8.06 -0.76 0.73
CH3 ALY B 14 8.32 -1.61 1.93
NZ ALY B 14 9.14 -0.45 -0.08
CE ALY B 14 9.08 0.34 -1.28
CD ALY B 14 8.94 1.84 -1.07
CG ALY B 14 10.31 2.42 -0.81
CB ALY B 14 10.23 3.93 -0.69
CA ALY B 14 11.46 4.54 0.00
N ALY B 14 11.41 5.98 0.23
C ALY B 14 12.68 4.24 -0.86
O ALY B 14 12.91 4.81 -1.92
HH31 ALY B 14 8.73 -2.59 1.59
HH32 ALY B 14 7.37 -1.80 2.50
HH33 ALY B 14 9.06 -1.12 2.61
HZ ALY B 14 10.02 -0.81 0.17
HE3 ALY B 14 8.20 -0.03 -1.91
HE2 ALY B 14 10.02 0.15 -1.87
HD3 ALY B 14 8.26 2.05 -0.19
HD2 ALY B 14 8.48 2.32 -1.97
HG3 ALY B 14 10.99 2.14 -1.66
HG2 ALY B 14 10.74 1.99 0.13
HB3 ALY B 14 9.32 4.20 -0.08
HB2 ALY B 14 10.09 4.39 -1.71
HA ALY B 14 11.60 4.05 1.00
H ALY B 14 10.71 6.43 -0.31
N ALA B 15 13.49 3.32 -0.36
CA ALA B 15 14.73 2.92 -1.01
C ALA B 15 14.50 2.67 -2.50
ZN ZN C . 11.24 2.53 9.15
ZN ZN D . 7.07 -5.39 -3.75
ZN ZN E . -7.35 -3.34 -13.32
ZN ZN F . -10.05 -1.40 0.65
C1 MPD G . 5.83 0.27 20.65
C2 MPD G . 4.42 0.75 20.29
O2 MPD G . 4.61 1.91 19.45
CM MPD G . 3.72 -0.25 19.36
C3 MPD G . 3.63 0.99 21.61
C4 MPD G . 2.20 1.50 21.50
O4 MPD G . 1.63 1.62 22.80
C5 MPD G . 2.07 2.90 20.89
H11 MPD G . 5.94 0.23 21.74
H12 MPD G . 6.56 0.98 20.25
H13 MPD G . 6.02 -0.71 20.23
HO2 MPD G . 4.18 2.69 19.88
HM1 MPD G . 2.80 -0.58 19.84
HM2 MPD G . 4.37 -1.10 19.18
HM3 MPD G . 3.49 0.24 18.41
H31 MPD G . 3.61 0.05 22.16
H32 MPD G . 4.20 1.69 22.21
H4 MPD G . 1.62 0.81 20.91
HO4 MPD G . 2.34 1.88 23.44
H51 MPD G . 1.61 3.57 21.61
H52 MPD G . 1.48 2.84 19.99
H53 MPD G . 3.07 3.27 20.65
#